data_7GSX
#
_entry.id   7GSX
#
_cell.length_a   89.679
_cell.length_b   89.679
_cell.length_c   106.371
_cell.angle_alpha   90.000
_cell.angle_beta   90.000
_cell.angle_gamma   120.000
#
_symmetry.space_group_name_H-M   'P 31 2 1'
#
loop_
_entity.id
_entity.type
_entity.pdbx_description
1 polymer 'Tyrosine-protein phosphatase non-receptor type 1'
2 non-polymer 2-AMINO-2-HYDROXYMETHYL-PROPANE-1,3-DIOL
3 non-polymer '3-methyl-1-benzofuran-2-carboxylic acid'
4 water water
#
_entity_poly.entity_id   1
_entity_poly.type   'polypeptide(L)'
_entity_poly.pdbx_seq_one_letter_code
;MEMEKEFEQIDKSGSWAAIYQDIRHEASDFPSRVAKLPKNKNRNRYRDVSPFDHSRIKLHQEDNDYINASLIKMEEAQRS
YILTQGPLPNTVGHFWEMVWEQKSRGVVMLNRVMEKGSLKCAQYWPQKEEKEMIFEDTNLKLTLISEDIKSYYTVRQLEL
ENLTTQETREILHFHYTTWPDFGVPESPASFLNFLFKVRESGSLSPEHGPVVVHCSAGIGRSGTFCLADTCLLLMDKRKD
PSSVDIKKVLLEMRKFRMGLIQTADQLRFSYLAVIEGAKFIMGDSSVQDQWKELSHEDLEPPPEHIPPPPRPPKRILEPH
N
;
_entity_poly.pdbx_strand_id   A
#
loop_
_chem_comp.id
_chem_comp.type
_chem_comp.name
_chem_comp.formula
JLM non-polymer '3-methyl-1-benzofuran-2-carboxylic acid' 'C10 H8 O3'
TRS non-polymer 2-AMINO-2-HYDROXYMETHYL-PROPANE-1,3-DIOL 'C4 H12 N O3 1'
#
# COMPACT_ATOMS: atom_id res chain seq x y z
N MET A 1 24.01 -10.53 -11.96
CA MET A 1 22.53 -10.35 -11.85
C MET A 1 22.01 -9.56 -13.06
N GLU A 2 21.30 -10.21 -13.98
CA GLU A 2 20.80 -9.58 -15.23
C GLU A 2 20.03 -8.29 -14.86
N MET A 3 19.12 -8.34 -13.87
CA MET A 3 18.32 -7.16 -13.45
C MET A 3 19.27 -5.98 -13.21
N GLU A 4 20.38 -6.22 -12.53
CA GLU A 4 21.38 -5.17 -12.16
C GLU A 4 22.10 -4.68 -13.42
N LYS A 5 22.36 -5.57 -14.39
CA LYS A 5 23.05 -5.17 -15.65
C LYS A 5 22.11 -4.20 -16.38
N GLU A 6 20.83 -4.56 -16.49
CA GLU A 6 19.79 -3.71 -17.14
C GLU A 6 19.77 -2.35 -16.43
N PHE A 7 19.73 -2.36 -15.09
CA PHE A 7 19.76 -1.12 -14.24
C PHE A 7 20.96 -0.27 -14.68
N GLU A 8 22.14 -0.90 -14.74
CA GLU A 8 23.41 -0.23 -15.15
C GLU A 8 23.26 0.27 -16.59
N GLN A 9 22.62 -0.50 -17.48
CA GLN A 9 22.37 -0.07 -18.89
C GLN A 9 21.44 1.16 -18.95
N ILE A 10 20.36 1.20 -18.16
CA ILE A 10 19.43 2.37 -18.16
C ILE A 10 20.14 3.57 -17.48
N ASP A 11 20.89 3.34 -16.40
CA ASP A 11 21.59 4.43 -15.66
C ASP A 11 22.65 5.07 -16.58
N LYS A 12 23.47 4.26 -17.23
CA LYS A 12 24.59 4.79 -18.04
C LYS A 12 24.00 5.53 -19.24
N SER A 13 22.85 5.07 -19.75
CA SER A 13 22.15 5.70 -20.90
C SER A 13 21.21 6.83 -20.45
N GLY A 14 20.99 6.99 -19.14
CA GLY A 14 20.03 7.96 -18.56
C GLY A 14 18.68 7.89 -19.24
N SER A 15 18.09 6.70 -19.37
CA SER A 15 16.79 6.51 -20.07
C SER A 15 15.62 6.18 -19.12
N TRP A 16 15.70 6.56 -17.83
CA TRP A 16 14.63 6.23 -16.85
C TRP A 16 13.30 6.85 -17.31
N ALA A 17 13.33 8.09 -17.81
CA ALA A 17 12.10 8.81 -18.23
C ALA A 17 11.47 8.06 -19.41
N ALA A 18 12.30 7.52 -20.30
CA ALA A 18 11.81 6.81 -21.49
C ALA A 18 11.17 5.47 -21.10
N ILE A 19 11.83 4.67 -20.24
CA ILE A 19 11.31 3.37 -19.73
C ILE A 19 9.94 3.62 -19.06
N TYR A 20 9.87 4.64 -18.20
CA TYR A 20 8.66 4.98 -17.41
C TYR A 20 7.51 5.36 -18.34
N GLN A 21 7.75 6.23 -19.33
CA GLN A 21 6.67 6.57 -20.29
C GLN A 21 6.17 5.34 -21.08
N ASP A 22 7.03 4.38 -21.42
CA ASP A 22 6.63 3.11 -22.10
C ASP A 22 5.63 2.32 -21.22
N ILE A 23 5.92 2.23 -19.91
CA ILE A 23 4.95 1.61 -18.96
C ILE A 23 3.63 2.38 -18.98
N ARG A 24 3.66 3.71 -18.92
CA ARG A 24 2.43 4.53 -18.86
C ARG A 24 1.59 4.23 -20.11
N HIS A 25 2.26 4.07 -21.25
CA HIS A 25 1.59 3.88 -22.57
C HIS A 25 0.89 2.52 -22.63
N GLU A 26 1.53 1.47 -22.11
CA GLU A 26 1.03 0.07 -22.21
C GLU A 26 0.06 -0.28 -21.06
N ALA A 27 -0.11 0.60 -20.05
CA ALA A 27 -0.91 0.28 -18.85
C ALA A 27 -2.38 0.11 -19.25
N SER A 28 -3.09 -0.75 -18.52
CA SER A 28 -4.53 -1.03 -18.66
C SER A 28 -5.36 0.23 -18.45
N ASP A 29 -6.50 0.31 -19.14
CA ASP A 29 -7.55 1.33 -18.91
C ASP A 29 -8.88 0.60 -18.81
N PHE A 30 -9.49 0.63 -17.63
CA PHE A 30 -10.76 -0.02 -17.30
C PHE A 30 -11.68 1.07 -16.76
N PRO A 31 -13.01 0.89 -16.83
CA PRO A 31 -13.95 1.86 -16.30
C PRO A 31 -13.87 2.01 -14.76
N SER A 32 -14.06 3.25 -14.31
CA SER A 32 -14.24 3.64 -12.87
C SER A 32 -15.56 4.40 -12.71
N ARG A 33 -16.69 3.87 -13.14
CA ARG A 33 -17.98 4.60 -13.17
C ARG A 33 -18.50 4.87 -11.75
N VAL A 34 -18.38 3.91 -10.82
CA VAL A 34 -18.91 4.12 -9.43
C VAL A 34 -18.14 5.30 -8.78
N ALA A 35 -16.81 5.37 -8.92
CA ALA A 35 -15.96 6.45 -8.33
C ALA A 35 -16.44 7.82 -8.78
N LYS A 36 -17.01 7.92 -10.00
CA LYS A 36 -17.31 9.24 -10.62
C LYS A 36 -18.77 9.62 -10.36
N LEU A 37 -19.60 8.82 -9.69
CA LEU A 37 -21.01 9.21 -9.37
C LEU A 37 -21.01 10.45 -8.48
N PRO A 38 -21.93 11.43 -8.72
CA PRO A 38 -21.95 12.63 -7.89
C PRO A 38 -22.02 12.36 -6.37
N LYS A 39 -22.77 11.37 -5.92
CA LYS A 39 -22.90 11.03 -4.47
C LYS A 39 -21.49 10.71 -3.87
N ASN A 40 -20.46 10.46 -4.68
CA ASN A 40 -19.17 9.93 -4.13
C ASN A 40 -18.09 11.01 -4.19
N LYS A 41 -18.45 12.24 -4.56
CA LYS A 41 -17.41 13.26 -4.77
C LYS A 41 -16.60 13.50 -3.46
N ASN A 42 -17.24 13.52 -2.32
CA ASN A 42 -16.51 13.81 -1.06
C ASN A 42 -15.86 12.54 -0.51
N ARG A 43 -15.89 11.42 -1.23
CA ARG A 43 -15.18 10.17 -0.82
C ARG A 43 -13.85 10.00 -1.56
N ASN A 44 -13.48 10.91 -2.45
CA ASN A 44 -12.25 10.87 -3.26
C ASN A 44 -11.34 12.03 -2.87
N ARG A 45 -10.10 11.73 -2.56
CA ARG A 45 -9.12 12.78 -2.26
C ARG A 45 -8.70 13.51 -3.53
N TYR A 46 -8.47 12.78 -4.63
CA TYR A 46 -7.89 13.31 -5.88
C TYR A 46 -8.82 12.96 -7.04
N ARG A 47 -9.20 13.96 -7.82
CA ARG A 47 -10.13 13.77 -8.97
C ARG A 47 -9.58 12.76 -10.00
N ASP A 48 -8.26 12.65 -10.15
CA ASP A 48 -7.60 11.83 -11.19
C ASP A 48 -7.12 10.46 -10.64
N VAL A 49 -7.50 10.08 -9.43
CA VAL A 49 -7.09 8.76 -8.85
C VAL A 49 -8.34 8.05 -8.38
N SER A 50 -8.76 7.00 -9.08
CA SER A 50 -10.00 6.26 -8.80
C SER A 50 -9.76 4.76 -8.92
N PRO A 51 -10.50 3.97 -8.16
CA PRO A 51 -10.46 2.50 -8.29
C PRO A 51 -11.26 2.07 -9.55
N PHE A 52 -10.76 1.08 -10.28
CA PHE A 52 -11.55 0.43 -11.36
C PHE A 52 -12.76 -0.23 -10.74
N ASP A 53 -13.87 -0.30 -11.48
CA ASP A 53 -15.07 -1.01 -11.02
C ASP A 53 -14.77 -2.49 -10.75
N HIS A 54 -14.00 -3.17 -11.61
CA HIS A 54 -13.90 -4.64 -11.56
C HIS A 54 -13.15 -5.10 -10.29
N SER A 55 -12.28 -4.25 -9.73
CA SER A 55 -11.35 -4.64 -8.61
C SER A 55 -11.63 -3.78 -7.36
N ARG A 56 -12.63 -2.90 -7.37
CA ARG A 56 -12.87 -2.03 -6.16
C ARG A 56 -13.32 -2.86 -4.96
N ILE A 57 -12.95 -2.43 -3.72
CA ILE A 57 -13.53 -3.03 -2.51
C ILE A 57 -14.91 -2.43 -2.23
N LYS A 58 -15.89 -3.31 -2.07
CA LYS A 58 -17.24 -2.92 -1.64
C LYS A 58 -17.44 -2.96 -0.11
N LEU A 59 -17.96 -1.87 0.45
CA LEU A 59 -18.43 -1.83 1.86
C LEU A 59 -19.71 -2.67 1.97
N HIS A 60 -19.90 -3.40 3.06
CA HIS A 60 -21.08 -4.28 3.31
C HIS A 60 -22.18 -3.39 3.89
N GLN A 61 -22.74 -2.51 3.06
CA GLN A 61 -23.90 -1.70 3.47
C GLN A 61 -24.72 -1.33 2.24
N GLU A 62 -26.03 -1.19 2.43
CA GLU A 62 -27.00 -1.06 1.32
C GLU A 62 -27.07 0.42 0.89
N ASP A 63 -26.82 1.34 1.83
CA ASP A 63 -26.87 2.81 1.62
C ASP A 63 -25.90 3.19 0.48
N ASN A 64 -24.60 3.05 0.73
CA ASN A 64 -23.57 3.42 -0.26
C ASN A 64 -22.37 2.53 0.00
N ASP A 65 -22.04 1.67 -0.95
CA ASP A 65 -20.95 0.67 -0.77
C ASP A 65 -19.58 1.21 -1.19
N TYR A 66 -19.43 2.48 -1.49
CA TYR A 66 -18.21 3.01 -2.16
C TYR A 66 -17.09 3.40 -1.16
N ILE A 67 -15.87 2.93 -1.45
CA ILE A 67 -14.58 3.46 -0.86
C ILE A 67 -13.52 3.50 -1.94
N ASN A 68 -12.65 4.48 -1.92
CA ASN A 68 -11.51 4.55 -2.84
C ASN A 68 -10.42 3.54 -2.44
N ALA A 69 -10.53 2.29 -2.87
CA ALA A 69 -9.68 1.14 -2.47
C ALA A 69 -9.81 0.02 -3.53
N SER A 70 -8.70 -0.66 -3.81
CA SER A 70 -8.59 -1.69 -4.87
C SER A 70 -8.01 -2.98 -4.30
N LEU A 71 -8.48 -4.14 -4.78
CA LEU A 71 -7.86 -5.45 -4.45
C LEU A 71 -6.85 -5.82 -5.51
N ILE A 72 -5.57 -5.90 -5.18
CA ILE A 72 -4.47 -6.31 -6.08
C ILE A 72 -4.25 -7.80 -5.81
N LYS A 73 -4.66 -8.72 -6.72
CA LYS A 73 -4.51 -10.19 -6.46
C LYS A 73 -3.42 -10.79 -7.36
N MET A 74 -2.27 -11.20 -6.79
CA MET A 74 -1.08 -11.61 -7.57
C MET A 74 -1.07 -13.16 -7.58
N GLU A 75 -1.53 -13.74 -8.68
CA GLU A 75 -1.90 -15.18 -8.75
C GLU A 75 -0.67 -16.07 -8.58
N GLU A 76 0.40 -15.82 -9.31
CA GLU A 76 1.62 -16.67 -9.24
C GLU A 76 2.33 -16.51 -7.88
N ALA A 77 2.44 -15.26 -7.38
CA ALA A 77 3.09 -15.03 -6.07
C ALA A 77 2.23 -15.52 -4.90
N GLN A 78 0.90 -15.68 -5.06
CA GLN A 78 -0.04 -16.10 -4.00
C GLN A 78 0.01 -15.02 -2.89
N ARG A 79 -0.08 -13.75 -3.29
CA ARG A 79 -0.22 -12.61 -2.35
C ARG A 79 -1.36 -11.70 -2.80
N SER A 80 -2.12 -11.13 -1.87
CA SER A 80 -3.14 -10.11 -2.17
C SER A 80 -2.84 -8.86 -1.32
N TYR A 81 -3.15 -7.70 -1.88
CA TYR A 81 -2.99 -6.41 -1.14
C TYR A 81 -4.23 -5.57 -1.40
N ILE A 82 -4.67 -4.79 -0.41
CA ILE A 82 -5.65 -3.71 -0.65
C ILE A 82 -4.86 -2.40 -0.68
N LEU A 83 -4.91 -1.66 -1.79
CA LEU A 83 -4.28 -0.33 -1.88
C LEU A 83 -5.38 0.74 -1.82
N THR A 84 -5.23 1.74 -0.95
CA THR A 84 -6.28 2.75 -0.69
C THR A 84 -5.61 4.13 -0.49
N GLN A 85 -6.39 5.16 -0.66
CA GLN A 85 -5.97 6.56 -0.39
C GLN A 85 -5.83 6.73 1.15
N GLY A 86 -5.11 7.77 1.56
CA GLY A 86 -5.16 8.23 2.95
C GLY A 86 -6.59 8.64 3.29
N PRO A 87 -7.17 8.15 4.41
CA PRO A 87 -8.53 8.49 4.76
C PRO A 87 -8.80 10.01 4.90
N LEU A 88 -9.99 10.42 4.48
CA LEU A 88 -10.48 11.82 4.58
C LEU A 88 -11.31 11.95 5.85
N PRO A 89 -11.53 13.21 6.32
CA PRO A 89 -12.34 13.39 7.51
C PRO A 89 -13.67 12.67 7.44
N ASN A 90 -14.31 12.62 6.26
CA ASN A 90 -15.61 11.93 6.23
C ASN A 90 -15.51 10.44 5.82
N THR A 91 -14.33 9.88 5.61
CA THR A 91 -14.21 8.42 5.34
C THR A 91 -13.37 7.65 6.36
N VAL A 92 -13.11 8.19 7.57
CA VAL A 92 -12.32 7.39 8.57
C VAL A 92 -13.17 6.22 9.05
N GLY A 93 -14.48 6.38 9.23
CA GLY A 93 -15.37 5.27 9.62
C GLY A 93 -15.45 4.20 8.53
N HIS A 94 -15.53 4.61 7.26
CA HIS A 94 -15.52 3.63 6.13
C HIS A 94 -14.21 2.83 6.14
N PHE A 95 -13.07 3.50 6.33
CA PHE A 95 -11.73 2.89 6.32
C PHE A 95 -11.73 1.71 7.31
N TRP A 96 -12.14 1.97 8.58
CA TRP A 96 -12.09 0.90 9.59
C TRP A 96 -13.17 -0.19 9.35
N GLU A 97 -14.31 0.16 8.77
CA GLU A 97 -15.34 -0.81 8.31
C GLU A 97 -14.71 -1.79 7.31
N MET A 98 -13.92 -1.28 6.35
CA MET A 98 -13.21 -2.13 5.36
C MET A 98 -12.22 -3.07 6.05
N VAL A 99 -11.37 -2.55 6.97
CA VAL A 99 -10.41 -3.42 7.68
C VAL A 99 -11.17 -4.56 8.36
N TRP A 100 -12.29 -4.25 9.01
CA TRP A 100 -13.10 -5.22 9.79
C TRP A 100 -13.65 -6.26 8.80
N GLU A 101 -14.32 -5.78 7.76
CA GLU A 101 -15.04 -6.69 6.82
C GLU A 101 -14.10 -7.55 6.00
N GLN A 102 -12.89 -7.09 5.65
CA GLN A 102 -11.92 -7.83 4.84
C GLN A 102 -11.02 -8.73 5.69
N LYS A 103 -11.16 -8.72 7.03
CA LYS A 103 -10.38 -9.57 7.99
C LYS A 103 -8.88 -9.29 7.94
N SER A 104 -8.50 -8.05 7.62
CA SER A 104 -7.09 -7.65 7.59
C SER A 104 -6.47 -7.72 9.00
N ARG A 105 -5.19 -8.05 9.09
CA ARG A 105 -4.38 -8.10 10.34
C ARG A 105 -3.47 -6.87 10.45
N GLY A 106 -3.08 -6.27 9.30
CA GLY A 106 -2.11 -5.17 9.27
C GLY A 106 -2.59 -4.01 8.42
N VAL A 107 -2.17 -2.80 8.81
CA VAL A 107 -2.31 -1.53 8.00
C VAL A 107 -0.90 -1.02 7.85
N VAL A 108 -0.47 -0.69 6.63
CA VAL A 108 0.87 -0.16 6.30
C VAL A 108 0.65 1.29 5.82
N MET A 109 1.21 2.24 6.56
CA MET A 109 1.10 3.70 6.27
C MET A 109 2.47 4.23 5.83
N LEU A 110 2.60 4.85 4.62
CA LEU A 110 3.91 5.25 4.07
C LEU A 110 4.06 6.79 4.01
N ASN A 111 3.16 7.53 4.62
CA ASN A 111 3.18 9.02 4.62
C ASN A 111 3.10 9.52 6.06
N ARG A 112 3.45 10.81 6.24
CA ARG A 112 3.14 11.56 7.50
C ARG A 112 1.81 12.26 7.30
N VAL A 113 1.08 12.54 8.39
CA VAL A 113 -0.23 13.21 8.37
C VAL A 113 -0.05 14.63 7.73
N MET A 114 1.05 15.32 8.06
CA MET A 114 1.41 16.59 7.39
C MET A 114 2.72 16.43 6.61
N GLU A 115 2.72 16.78 5.30
CA GLU A 115 3.99 16.82 4.49
C GLU A 115 3.90 18.11 3.63
N LYS A 116 5.05 18.72 3.38
CA LYS A 116 5.09 19.94 2.51
C LYS A 116 4.11 21.01 3.05
N GLY A 117 3.91 21.05 4.37
CA GLY A 117 3.01 22.02 5.02
C GLY A 117 1.52 21.85 4.78
N SER A 118 1.05 20.68 4.27
CA SER A 118 -0.37 20.46 3.91
C SER A 118 -0.85 19.11 4.48
N LEU A 119 -2.12 18.96 4.74
CA LEU A 119 -2.58 17.66 5.33
C LEU A 119 -2.66 16.60 4.21
N LYS A 120 -2.01 15.47 4.40
CA LYS A 120 -2.00 14.37 3.41
C LYS A 120 -2.95 13.24 3.80
N CYS A 121 -3.42 13.19 5.05
CA CYS A 121 -4.50 12.25 5.47
C CYS A 121 -4.97 12.61 6.90
N ALA A 122 -6.15 12.18 7.23
CA ALA A 122 -6.81 12.43 8.53
C ALA A 122 -5.98 11.75 9.64
N GLN A 123 -6.07 12.27 10.88
CA GLN A 123 -5.51 11.58 12.06
C GLN A 123 -6.51 10.48 12.41
N TYR A 124 -6.37 9.25 11.87
CA TYR A 124 -7.44 8.24 11.84
C TYR A 124 -7.25 7.16 12.91
N TRP A 125 -6.20 7.30 13.75
CA TRP A 125 -5.97 6.34 14.88
C TRP A 125 -5.74 7.18 16.15
N PRO A 126 -6.00 6.61 17.35
CA PRO A 126 -5.75 7.33 18.62
C PRO A 126 -4.28 7.41 19.03
N GLN A 127 -3.92 8.56 19.59
CA GLN A 127 -2.51 8.88 19.94
C GLN A 127 -2.25 8.56 21.44
N LYS A 128 -3.28 8.43 22.24
CA LYS A 128 -3.13 8.07 23.68
C LYS A 128 -4.02 6.90 24.03
N GLU A 129 -3.51 6.00 24.88
CA GLU A 129 -4.21 4.79 25.35
C GLU A 129 -5.57 5.20 25.92
N GLU A 130 -5.61 6.23 26.79
CA GLU A 130 -6.85 6.56 27.53
C GLU A 130 -7.83 7.42 26.72
N LYS A 131 -7.52 7.73 25.45
CA LYS A 131 -8.46 8.51 24.59
C LYS A 131 -8.81 7.71 23.31
N GLU A 132 -9.72 6.78 23.45
CA GLU A 132 -10.13 5.90 22.33
C GLU A 132 -10.99 6.69 21.35
N MET A 133 -11.22 6.11 20.15
CA MET A 133 -12.01 6.76 19.07
C MET A 133 -13.24 5.91 18.83
N ILE A 134 -14.40 6.56 18.71
CA ILE A 134 -15.65 5.87 18.32
C ILE A 134 -16.09 6.44 16.96
N PHE A 135 -16.40 5.54 16.02
CA PHE A 135 -16.86 5.89 14.64
C PHE A 135 -18.36 5.62 14.62
N GLU A 136 -19.19 6.67 14.81
CA GLU A 136 -20.64 6.44 15.06
C GLU A 136 -21.30 5.95 13.76
N ASP A 137 -20.85 6.44 12.60
CA ASP A 137 -21.48 6.06 11.30
C ASP A 137 -21.33 4.54 11.04
N THR A 138 -20.24 3.86 11.41
CA THR A 138 -20.02 2.41 11.17
C THR A 138 -20.06 1.54 12.45
N ASN A 139 -20.27 2.13 13.63
CA ASN A 139 -20.43 1.36 14.91
C ASN A 139 -19.16 0.60 15.29
N LEU A 140 -18.01 1.27 15.25
CA LEU A 140 -16.69 0.69 15.61
C LEU A 140 -16.03 1.55 16.72
N LYS A 141 -15.25 0.89 17.56
CA LYS A 141 -14.39 1.51 18.58
C LYS A 141 -12.95 1.09 18.35
N LEU A 142 -12.02 2.05 18.43
CA LEU A 142 -10.59 1.78 18.16
C LEU A 142 -9.80 2.32 19.36
N THR A 143 -8.96 1.48 19.93
CA THR A 143 -8.12 1.82 21.14
C THR A 143 -6.65 1.58 20.85
N LEU A 144 -5.77 2.51 21.22
CA LEU A 144 -4.33 2.32 21.17
C LEU A 144 -3.91 1.40 22.35
N ILE A 145 -3.28 0.26 22.05
CA ILE A 145 -2.80 -0.73 23.06
C ILE A 145 -1.34 -0.50 23.43
N SER A 146 -0.45 -0.27 22.47
CA SER A 146 0.98 -0.04 22.65
C SER A 146 1.57 0.63 21.42
N GLU A 147 2.72 1.26 21.57
CA GLU A 147 3.42 2.01 20.51
C GLU A 147 4.91 1.73 20.68
N ASP A 148 5.64 1.40 19.62
CA ASP A 148 7.10 1.12 19.61
C ASP A 148 7.71 2.07 18.58
N ILE A 149 8.34 3.17 19.03
CA ILE A 149 8.91 4.21 18.12
C ILE A 149 10.38 3.90 17.81
N LYS A 150 10.73 3.67 16.55
CA LYS A 150 12.12 3.42 16.09
C LYS A 150 12.55 4.59 15.24
N SER A 151 13.82 4.59 14.82
CA SER A 151 14.41 5.71 14.05
C SER A 151 13.71 5.87 12.71
N TYR A 152 13.32 4.78 12.02
CA TYR A 152 12.81 4.90 10.63
C TYR A 152 11.31 4.54 10.53
N TYR A 153 10.74 3.98 11.56
CA TYR A 153 9.32 3.51 11.56
C TYR A 153 8.82 3.36 12.99
N THR A 154 7.50 3.37 13.16
CA THR A 154 6.75 3.12 14.41
C THR A 154 5.81 1.94 14.17
N VAL A 155 5.75 1.01 15.11
CA VAL A 155 4.73 -0.06 15.11
C VAL A 155 3.77 0.14 16.27
N ARG A 156 2.49 0.09 16.00
CA ARG A 156 1.42 0.22 17.00
C ARG A 156 0.54 -1.01 17.04
N GLN A 157 0.14 -1.41 18.25
CA GLN A 157 -0.91 -2.42 18.47
C GLN A 157 -2.22 -1.70 18.73
N LEU A 158 -3.26 -2.01 17.94
CA LEU A 158 -4.59 -1.36 18.06
C LEU A 158 -5.64 -2.45 18.35
N GLU A 159 -6.70 -2.10 19.10
CA GLU A 159 -7.86 -3.00 19.32
C GLU A 159 -9.06 -2.41 18.56
N LEU A 160 -9.62 -3.17 17.61
CA LEU A 160 -10.83 -2.76 16.89
C LEU A 160 -12.00 -3.62 17.38
N GLU A 161 -13.04 -2.96 17.87
CA GLU A 161 -14.25 -3.58 18.42
C GLU A 161 -15.44 -3.26 17.51
N ASN A 162 -16.12 -4.31 17.05
CA ASN A 162 -17.41 -4.17 16.37
C ASN A 162 -18.50 -3.98 17.45
N LEU A 163 -19.00 -2.75 17.62
CA LEU A 163 -19.89 -2.42 18.78
C LEU A 163 -21.23 -3.15 18.64
N THR A 164 -21.54 -3.63 17.43
CA THR A 164 -22.80 -4.37 17.12
C THR A 164 -22.77 -5.75 17.77
N THR A 165 -21.63 -6.46 17.74
CA THR A 165 -21.47 -7.89 18.22
C THR A 165 -20.56 -8.01 19.44
N GLN A 166 -19.80 -6.95 19.78
CA GLN A 166 -18.80 -6.95 20.86
C GLN A 166 -17.65 -7.90 20.54
N GLU A 167 -17.49 -8.35 19.30
CA GLU A 167 -16.23 -9.02 18.91
C GLU A 167 -15.11 -7.97 18.85
N THR A 168 -13.88 -8.38 19.17
CA THR A 168 -12.66 -7.55 19.13
C THR A 168 -11.61 -8.28 18.30
N ARG A 169 -10.72 -7.52 17.65
CA ARG A 169 -9.51 -8.07 16.96
C ARG A 169 -8.33 -7.13 17.20
N GLU A 170 -7.13 -7.69 17.24
CA GLU A 170 -5.85 -6.94 17.30
C GLU A 170 -5.42 -6.61 15.87
N ILE A 171 -5.27 -5.31 15.57
CA ILE A 171 -4.72 -4.83 14.26
C ILE A 171 -3.32 -4.26 14.52
N LEU A 172 -2.36 -4.57 13.65
CA LEU A 172 -0.98 -4.02 13.71
C LEU A 172 -0.86 -2.84 12.72
N HIS A 173 -0.41 -1.68 13.22
CA HIS A 173 -0.17 -0.46 12.39
C HIS A 173 1.32 -0.29 12.17
N PHE A 174 1.79 -0.45 10.93
CA PHE A 174 3.22 -0.28 10.52
C PHE A 174 3.37 1.06 9.80
N HIS A 175 4.01 2.03 10.46
CA HIS A 175 4.12 3.44 10.00
C HIS A 175 5.53 3.79 9.63
N TYR A 176 5.84 3.83 8.32
CA TYR A 176 7.14 4.25 7.80
C TYR A 176 7.15 5.78 7.82
N THR A 177 8.01 6.38 8.66
CA THR A 177 7.89 7.82 9.03
C THR A 177 8.97 8.68 8.37
N THR A 178 9.89 8.14 7.59
CA THR A 178 11.08 8.86 7.08
C THR A 178 11.15 8.97 5.56
N TRP A 179 10.07 8.68 4.79
CA TRP A 179 10.15 8.94 3.33
C TRP A 179 10.29 10.45 3.16
N PRO A 180 11.27 10.94 2.39
CA PRO A 180 11.43 12.41 2.25
C PRO A 180 10.27 13.12 1.55
N ASP A 181 10.04 14.39 1.96
CA ASP A 181 8.95 15.21 1.36
C ASP A 181 9.10 15.27 -0.17
N PHE A 182 10.34 15.39 -0.69
CA PHE A 182 10.65 15.36 -2.15
C PHE A 182 11.56 14.18 -2.54
N GLY A 183 11.31 13.61 -3.71
CA GLY A 183 12.11 12.49 -4.21
C GLY A 183 11.91 11.16 -3.46
N VAL A 184 12.97 10.36 -3.45
CA VAL A 184 12.93 8.96 -2.91
C VAL A 184 14.14 8.82 -2.00
N PRO A 185 14.16 7.81 -1.09
CA PRO A 185 15.34 7.58 -0.23
C PRO A 185 16.62 7.29 -1.03
N GLU A 186 17.75 7.82 -0.54
CA GLU A 186 19.06 7.59 -1.20
C GLU A 186 19.43 6.09 -1.18
N SER A 187 19.18 5.38 -0.09
CA SER A 187 19.44 3.92 0.04
C SER A 187 18.12 3.22 0.34
N PRO A 188 17.92 1.97 -0.15
CA PRO A 188 16.69 1.24 0.13
C PRO A 188 16.80 0.39 1.39
N ALA A 189 17.91 0.49 2.11
CA ALA A 189 18.14 -0.34 3.32
C ALA A 189 17.01 -0.14 4.33
N SER A 190 16.60 1.07 4.68
CA SER A 190 15.59 1.23 5.73
C SER A 190 14.21 0.75 5.27
N PHE A 191 13.87 0.97 3.99
CA PHE A 191 12.58 0.54 3.38
C PHE A 191 12.51 -1.01 3.39
N LEU A 192 13.59 -1.68 3.00
CA LEU A 192 13.65 -3.20 3.04
C LEU A 192 13.57 -3.73 4.48
N ASN A 193 14.32 -3.15 5.43
CA ASN A 193 14.16 -3.50 6.86
C ASN A 193 12.68 -3.41 7.26
N PHE A 194 11.99 -2.32 6.88
CA PHE A 194 10.58 -2.12 7.21
C PHE A 194 9.71 -3.23 6.59
N LEU A 195 9.91 -3.51 5.29
CA LEU A 195 9.15 -4.57 4.56
C LEU A 195 9.30 -5.92 5.30
N PHE A 196 10.53 -6.22 5.73
CA PHE A 196 10.78 -7.49 6.45
C PHE A 196 10.11 -7.50 7.82
N LYS A 197 9.95 -6.35 8.50
CA LYS A 197 9.21 -6.30 9.78
C LYS A 197 7.72 -6.54 9.56
N VAL A 198 7.14 -6.00 8.47
CA VAL A 198 5.72 -6.29 8.13
C VAL A 198 5.58 -7.82 7.89
N ARG A 199 6.46 -8.39 7.12
CA ARG A 199 6.38 -9.87 6.78
C ARG A 199 6.43 -10.70 8.06
N GLU A 200 7.37 -10.36 8.95
CA GLU A 200 7.65 -11.17 10.18
C GLU A 200 6.45 -11.13 11.12
N SER A 201 5.57 -10.12 11.00
CA SER A 201 4.34 -9.94 11.84
C SER A 201 3.21 -10.90 11.46
N GLY A 202 3.26 -11.56 10.30
CA GLY A 202 2.13 -12.36 9.78
C GLY A 202 1.12 -11.56 8.96
N SER A 203 1.25 -10.25 8.86
CA SER A 203 0.21 -9.37 8.25
C SER A 203 0.03 -9.66 6.75
N LEU A 204 1.04 -10.28 6.10
CA LEU A 204 1.04 -10.53 4.61
C LEU A 204 0.69 -11.99 4.30
N SER A 205 0.41 -12.76 5.33
CA SER A 205 0.26 -14.22 5.18
C SER A 205 -1.17 -14.65 4.86
N PRO A 206 -1.34 -15.82 4.20
CA PRO A 206 -2.66 -16.20 3.70
C PRO A 206 -3.67 -16.62 4.78
N GLU A 207 -3.26 -16.74 6.04
CA GLU A 207 -4.23 -17.02 7.11
C GLU A 207 -5.03 -15.77 7.48
N HIS A 208 -4.66 -14.58 6.99
CA HIS A 208 -5.38 -13.31 7.28
C HIS A 208 -6.01 -12.77 5.99
N GLY A 209 -6.96 -11.85 6.10
CA GLY A 209 -7.36 -11.02 4.95
C GLY A 209 -6.18 -10.22 4.41
N PRO A 210 -6.32 -9.58 3.22
CA PRO A 210 -5.23 -8.80 2.64
C PRO A 210 -4.82 -7.61 3.55
N VAL A 211 -3.53 -7.38 3.61
CA VAL A 211 -2.95 -6.14 4.21
C VAL A 211 -3.61 -4.92 3.56
N VAL A 212 -3.85 -3.86 4.35
CA VAL A 212 -4.29 -2.57 3.77
C VAL A 212 -3.07 -1.67 3.66
N VAL A 213 -2.73 -1.15 2.46
CA VAL A 213 -1.56 -0.28 2.29
C VAL A 213 -1.98 1.09 1.76
N HIS A 214 -1.50 2.18 2.36
CA HIS A 214 -1.85 3.53 1.87
C HIS A 214 -0.68 4.50 1.97
N CYS A 215 -0.77 5.54 1.14
CA CYS A 215 0.05 6.77 1.26
C CYS A 215 -0.94 7.93 1.19
N SER A 216 -0.70 9.01 0.44
CA SER A 216 -1.78 10.00 0.27
C SER A 216 -2.78 9.59 -0.84
N ALA A 217 -2.30 9.30 -2.07
CA ALA A 217 -3.19 8.83 -3.17
C ALA A 217 -3.34 7.31 -3.23
N GLY A 218 -2.46 6.57 -2.59
CA GLY A 218 -2.44 5.09 -2.64
C GLY A 218 -1.97 4.51 -3.97
N ILE A 219 -1.07 5.17 -4.67
CA ILE A 219 -0.52 4.62 -5.96
C ILE A 219 1.00 4.69 -6.01
N GLY A 220 1.65 5.71 -5.42
CA GLY A 220 3.09 5.94 -5.62
C GLY A 220 3.96 5.17 -4.65
N ARG A 221 4.16 5.67 -3.42
CA ARG A 221 4.85 4.87 -2.38
C ARG A 221 4.19 3.51 -2.19
N SER A 222 2.87 3.47 -2.16
CA SER A 222 2.08 2.22 -1.96
C SER A 222 2.43 1.22 -3.06
N GLY A 223 2.52 1.69 -4.31
CA GLY A 223 2.92 0.86 -5.46
C GLY A 223 4.33 0.27 -5.28
N THR A 224 5.24 1.06 -4.75
CA THR A 224 6.66 0.66 -4.54
C THR A 224 6.70 -0.50 -3.55
N PHE A 225 5.96 -0.39 -2.46
CA PHE A 225 5.90 -1.43 -1.39
C PHE A 225 5.40 -2.77 -1.97
N CYS A 226 4.28 -2.79 -2.68
CA CYS A 226 3.73 -4.12 -3.13
C CYS A 226 4.58 -4.68 -4.28
N LEU A 227 5.10 -3.84 -5.15
CA LEU A 227 5.97 -4.25 -6.29
C LEU A 227 7.26 -4.90 -5.74
N ALA A 228 7.89 -4.28 -4.75
CA ALA A 228 9.13 -4.87 -4.19
C ALA A 228 8.82 -6.20 -3.52
N ASP A 229 7.77 -6.27 -2.71
CA ASP A 229 7.38 -7.50 -1.99
C ASP A 229 7.10 -8.64 -3.00
N THR A 230 6.25 -8.43 -4.01
CA THR A 230 5.89 -9.49 -4.99
C THR A 230 7.16 -9.93 -5.76
N CYS A 231 7.98 -9.01 -6.24
CA CYS A 231 9.19 -9.38 -7.03
C CYS A 231 10.11 -10.31 -6.21
N LEU A 232 10.34 -9.96 -4.93
CA LEU A 232 11.26 -10.73 -4.05
C LEU A 232 10.64 -12.11 -3.76
N LEU A 233 9.31 -12.20 -3.65
CA LEU A 233 8.63 -13.51 -3.41
C LEU A 233 8.81 -14.40 -4.65
N LEU A 234 8.59 -13.84 -5.84
CA LEU A 234 8.75 -14.61 -7.11
C LEU A 234 10.19 -15.14 -7.28
N MET A 235 11.18 -14.35 -6.85
CA MET A 235 12.61 -14.74 -6.93
C MET A 235 12.84 -15.98 -6.04
N ASP A 236 12.14 -16.03 -4.92
CA ASP A 236 12.23 -17.18 -3.96
C ASP A 236 11.55 -18.46 -4.50
N LYS A 237 10.47 -18.32 -5.28
CA LYS A 237 9.62 -19.48 -5.65
C LYS A 237 10.07 -20.09 -6.99
N ARG A 238 10.60 -19.29 -7.92
CA ARG A 238 10.88 -19.75 -9.32
C ARG A 238 12.19 -20.55 -9.37
N LYS A 239 12.26 -21.54 -10.27
CA LYS A 239 13.51 -22.30 -10.56
C LYS A 239 14.55 -21.32 -11.14
N ASP A 240 14.13 -20.41 -12.01
CA ASP A 240 15.01 -19.39 -12.62
C ASP A 240 14.68 -18.01 -12.05
N PRO A 241 15.29 -17.60 -10.92
CA PRO A 241 15.06 -16.26 -10.37
C PRO A 241 15.39 -15.13 -11.35
N SER A 242 16.33 -15.35 -12.28
CA SER A 242 16.82 -14.36 -13.27
C SER A 242 15.68 -13.94 -14.23
N SER A 243 14.60 -14.73 -14.24
CA SER A 243 13.43 -14.57 -15.13
C SER A 243 12.43 -13.55 -14.56
N VAL A 244 12.67 -13.00 -13.35
CA VAL A 244 11.66 -12.05 -12.77
C VAL A 244 11.84 -10.71 -13.48
N ASP A 245 10.79 -10.23 -14.15
CA ASP A 245 10.83 -8.99 -14.97
C ASP A 245 10.00 -7.90 -14.25
N ILE A 246 10.68 -6.96 -13.60
CA ILE A 246 9.99 -5.96 -12.74
C ILE A 246 8.94 -5.18 -13.57
N LYS A 247 9.23 -4.83 -14.81
CA LYS A 247 8.31 -4.08 -15.68
C LYS A 247 7.06 -4.91 -15.93
N LYS A 248 7.20 -6.22 -16.16
CA LYS A 248 6.02 -7.08 -16.39
C LYS A 248 5.18 -7.26 -15.12
N VAL A 249 5.81 -7.37 -13.97
CA VAL A 249 5.07 -7.46 -12.69
C VAL A 249 4.29 -6.15 -12.49
N LEU A 250 4.91 -5.01 -12.72
CA LEU A 250 4.24 -3.66 -12.54
C LEU A 250 3.03 -3.59 -13.46
N LEU A 251 3.18 -3.96 -14.74
CA LEU A 251 2.01 -3.92 -15.64
C LEU A 251 0.88 -4.87 -15.20
N GLU A 252 1.21 -6.06 -14.65
CA GLU A 252 0.19 -6.96 -14.09
C GLU A 252 -0.54 -6.25 -12.91
N MET A 253 0.21 -5.64 -12.00
CA MET A 253 -0.40 -4.90 -10.86
C MET A 253 -1.31 -3.74 -11.34
N ARG A 254 -0.93 -3.05 -12.42
CA ARG A 254 -1.72 -1.93 -13.00
C ARG A 254 -3.01 -2.42 -13.66
N LYS A 255 -3.21 -3.74 -13.83
CA LYS A 255 -4.55 -4.23 -14.23
C LYS A 255 -5.58 -3.97 -13.12
N PHE A 256 -5.13 -3.83 -11.83
CA PHE A 256 -6.01 -3.79 -10.65
C PHE A 256 -6.15 -2.38 -10.03
N ARG A 257 -5.17 -1.51 -10.20
CA ARG A 257 -5.27 -0.08 -9.79
C ARG A 257 -4.43 0.77 -10.70
N MET A 258 -4.98 1.90 -11.14
CA MET A 258 -4.31 2.81 -12.07
C MET A 258 -3.10 3.50 -11.42
N GLY A 259 -2.09 3.84 -12.23
CA GLY A 259 -1.08 4.83 -11.81
C GLY A 259 0.01 4.37 -10.83
N LEU A 260 0.12 3.07 -10.56
CA LEU A 260 1.07 2.53 -9.56
C LEU A 260 2.49 2.84 -10.00
N ILE A 261 3.29 3.49 -9.13
CA ILE A 261 4.61 4.09 -9.40
C ILE A 261 4.35 5.39 -10.16
N GLN A 262 4.56 6.52 -9.53
CA GLN A 262 4.09 7.87 -10.03
C GLN A 262 5.19 8.61 -10.77
N THR A 263 6.45 8.20 -10.67
CA THR A 263 7.61 8.95 -11.23
C THR A 263 8.68 7.96 -11.71
N ALA A 264 9.55 8.38 -12.63
CA ALA A 264 10.74 7.61 -13.04
C ALA A 264 11.68 7.39 -11.85
N ASP A 265 11.78 8.32 -10.90
CA ASP A 265 12.62 8.11 -9.69
C ASP A 265 12.06 6.97 -8.82
N GLN A 266 10.72 6.89 -8.65
CA GLN A 266 10.09 5.75 -7.90
C GLN A 266 10.36 4.45 -8.67
N LEU A 267 10.37 4.48 -10.01
CA LEU A 267 10.67 3.22 -10.78
C LEU A 267 12.13 2.80 -10.51
N ARG A 268 13.09 3.72 -10.62
CA ARG A 268 14.52 3.42 -10.31
C ARG A 268 14.69 2.91 -8.89
N PHE A 269 14.05 3.55 -7.90
CA PHE A 269 14.11 3.12 -6.49
C PHE A 269 13.59 1.68 -6.33
N SER A 270 12.51 1.31 -7.04
CA SER A 270 11.92 -0.06 -6.93
C SER A 270 12.95 -1.07 -7.42
N TYR A 271 13.63 -0.81 -8.55
CA TYR A 271 14.74 -1.68 -9.04
C TYR A 271 15.83 -1.80 -7.98
N LEU A 272 16.27 -0.68 -7.42
CA LEU A 272 17.35 -0.72 -6.37
C LEU A 272 16.93 -1.60 -5.20
N ALA A 273 15.68 -1.43 -4.72
CA ALA A 273 15.17 -2.19 -3.56
C ALA A 273 15.17 -3.70 -3.87
N VAL A 274 14.73 -4.09 -5.05
CA VAL A 274 14.63 -5.52 -5.41
C VAL A 274 16.04 -6.11 -5.55
N ILE A 275 16.95 -5.35 -6.19
CA ILE A 275 18.37 -5.77 -6.41
C ILE A 275 19.06 -5.99 -5.06
N GLU A 276 18.92 -5.02 -4.14
CA GLU A 276 19.58 -5.12 -2.80
C GLU A 276 18.89 -6.22 -1.98
N GLY A 277 17.55 -6.37 -2.09
CA GLY A 277 16.84 -7.37 -1.27
C GLY A 277 17.15 -8.80 -1.73
N ALA A 278 17.44 -8.99 -3.01
CA ALA A 278 17.72 -10.32 -3.58
C ALA A 278 18.96 -10.93 -2.90
N LYS A 279 19.93 -10.07 -2.58
CA LYS A 279 21.26 -10.51 -2.06
C LYS A 279 21.05 -11.33 -0.79
N PHE A 280 19.94 -11.13 -0.07
CA PHE A 280 19.53 -12.00 1.07
C PHE A 280 18.74 -13.20 0.53
N ILE A 281 18.00 -13.00 -0.56
CA ILE A 281 17.21 -14.07 -1.26
C ILE A 281 18.19 -15.12 -1.79
N MET A 282 19.42 -14.70 -2.06
CA MET A 282 20.53 -15.56 -2.54
C MET A 282 21.11 -16.35 -1.35
N GLY A 283 20.51 -16.16 -0.16
CA GLY A 283 20.87 -16.90 1.08
C GLY A 283 21.92 -16.16 1.90
N ASP A 284 22.01 -14.84 1.70
CA ASP A 284 23.10 -13.97 2.25
C ASP A 284 22.46 -12.76 2.94
C TRS B . -12.31 -9.94 -10.95
C1 TRS B . -11.48 -8.74 -11.44
C2 TRS B . -11.71 -11.30 -11.36
C3 TRS B . -13.66 -9.84 -11.54
N TRS B . -12.55 -9.88 -9.46
O1 TRS B . -10.64 -8.22 -10.42
O2 TRS B . -10.29 -11.22 -11.45
O3 TRS B . -14.33 -8.52 -11.31
H11 TRS B . -12.11 -8.03 -11.73
H12 TRS B . -10.95 -9.00 -12.21
H21 TRS B . -12.08 -11.58 -12.22
H22 TRS B . -11.94 -11.97 -10.68
H31 TRS B . -14.23 -10.55 -11.17
H32 TRS B . -13.60 -9.99 -12.51
HN1 TRS B . -13.43 -9.95 -9.27
HN2 TRS B . -12.25 -9.09 -9.12
HN3 TRS B . -12.11 -10.54 -9.03
HO1 TRS B . -10.04 -7.67 -10.62
HO2 TRS B . -9.85 -11.69 -11.61
HO3 TRS B . -14.18 -8.26 -10.52
C10 JLM C . -2.11 -6.87 23.64
C01 JLM C . -2.92 -6.60 21.20
C02 JLM C . -3.13 -6.59 22.66
C03 JLM C . -4.30 -6.33 23.35
O04 JLM C . -4.08 -6.41 24.73
C05 JLM C . -2.72 -6.75 24.90
C06 JLM C . -1.99 -6.94 26.10
C07 JLM C . -0.65 -7.27 25.98
C08 JLM C . -0.04 -7.39 24.76
C09 JLM C . -0.75 -7.19 23.59
C11 JLM C . -5.72 -5.96 22.78
O12 JLM C . -5.91 -6.12 21.57
O13 JLM C . -6.54 -5.54 23.62
H011 JLM C . -1.86 -6.78 20.92
H012 JLM C . -3.19 -5.64 20.74
H013 JLM C . -3.51 -7.37 20.69
H061 JLM C . -2.42 -6.87 27.09
H071 JLM C . -0.03 -7.44 26.89
H081 JLM C . 1.02 -7.65 24.70
H091 JLM C . -0.25 -7.29 22.63
C10 JLM D . 18.59 -13.58 -8.70
C01 JLM D . 17.89 -11.90 -10.52
C02 JLM D . 18.78 -12.96 -9.97
C03 JLM D . 19.91 -13.56 -10.55
O04 JLM D . 20.44 -14.52 -9.69
C05 JLM D . 19.63 -14.54 -8.57
C06 JLM D . 19.73 -15.33 -7.42
C07 JLM D . 18.79 -15.14 -6.42
C08 JLM D . 17.76 -14.21 -6.54
C09 JLM D . 17.66 -13.42 -7.68
C11 JLM D . 20.58 -13.27 -11.93
O12 JLM D . 21.49 -14.01 -12.29
O13 JLM D . 20.12 -12.28 -12.55
H011 JLM D . 17.23 -11.45 -9.77
H012 JLM D . 17.22 -12.29 -11.31
H013 JLM D . 18.44 -11.07 -10.98
H061 JLM D . 20.51 -16.06 -7.25
H071 JLM D . 18.82 -15.73 -5.50
H081 JLM D . 17.03 -14.09 -5.75
H091 JLM D . 16.87 -12.70 -7.78
#